data_1LPZ
#
_entry.id   1LPZ
#
_cell.length_a   56.300
_cell.length_b   72.000
_cell.length_c   78.300
_cell.angle_alpha   90.00
_cell.angle_beta   90.00
_cell.angle_gamma   90.00
#
_symmetry.space_group_name_H-M   'P 21 21 21'
#
loop_
_entity.id
_entity.type
_entity.pdbx_description
1 polymer 'Blood coagulation factor Xa'
2 polymer 'Blood coagulation factor Xa'
3 non-polymer 'CALCIUM ION'
4 non-polymer 1-(3-carbamimidoylbenzyl)-N-(3,5-dichlorobenzyl)-4-methyl-1H-indole-2-carboxamide
5 water water
#
loop_
_entity_poly.entity_id
_entity_poly.type
_entity_poly.pdbx_seq_one_letter_code
_entity_poly.pdbx_strand_id
1 'polypeptide(L)'
;EEMKKGHLERECMEETCSYEEAREVFEDSDKTNEFWNKYKDGDQCETSPCQNQGKCKDGLGEYTCTCLEGFEGKNCELFT
RKLCSLDNGDCDQFCHEEQNSVVCSCARGYTLADNGKACIPTGPYPCGKQTLER
;
A
2 'polypeptide(L)'
;IVGGQECKDGECPWQALLINEENEGFCGGTILSEFYILTAAHCLYQAKRFKVRVGDRNTEQEEGGEAVHEVEVVIKHNRF
TKETYDFDIAVLRLKTPITFRMNVAPACLPERDWAESTLMTQKTGIVSGFGRTHEKGRQSTRLKMLEVPYVDRNSCKLSS
SFIITQNMFCAGYDTKQEDACQGDSGGPHVTRFKDTYFVTGIVSWGEGCARKGKYGIYTKVTAFLKWIDRSMKTRGLPKA
KSHAPEVITSSPLK
;
B
#
loop_
_chem_comp.id
_chem_comp.type
_chem_comp.name
_chem_comp.formula
CA non-polymer 'CALCIUM ION' 'Ca 2'
CMB non-polymer 1-(3-carbamimidoylbenzyl)-N-(3,5-dichlorobenzyl)-4-methyl-1H-indole-2-carboxamide 'C25 H22 Cl2 N4 O'
#
# COMPACT_ATOMS: atom_id res chain seq x y z
N ARG A 81 17.03 -12.16 21.50
CA ARG A 81 16.28 -12.74 20.34
C ARG A 81 15.89 -14.19 20.64
N LYS A 82 14.67 -14.37 21.14
CA LYS A 82 14.20 -15.71 21.48
C LYS A 82 13.26 -16.36 20.48
N LEU A 83 11.97 -16.27 20.72
CA LEU A 83 10.98 -16.88 19.84
C LEU A 83 10.79 -16.08 18.54
N CYS A 84 9.64 -15.42 18.40
CA CYS A 84 9.38 -14.64 17.21
C CYS A 84 10.45 -13.61 16.92
N SER A 85 11.28 -13.28 17.92
CA SER A 85 12.33 -12.30 17.72
C SER A 85 13.54 -12.91 17.05
N LEU A 86 13.65 -14.23 17.13
CA LEU A 86 14.74 -14.92 16.49
C LEU A 86 14.30 -15.41 15.12
N ASP A 87 14.66 -14.67 14.09
CA ASP A 87 14.32 -15.02 12.73
C ASP A 87 12.82 -15.27 12.51
N ASN A 88 12.00 -14.40 13.07
CA ASN A 88 10.55 -14.52 12.92
C ASN A 88 9.99 -15.85 13.41
N GLY A 89 10.75 -16.57 14.22
CA GLY A 89 10.27 -17.84 14.77
C GLY A 89 10.24 -18.96 13.75
N ASP A 90 10.87 -18.71 12.59
CA ASP A 90 10.94 -19.66 11.47
C ASP A 90 9.64 -19.68 10.65
N CYS A 91 8.71 -18.79 10.97
CA CYS A 91 7.45 -18.71 10.24
C CYS A 91 7.63 -18.04 8.87
N ASP A 92 6.70 -18.30 7.96
CA ASP A 92 6.78 -17.68 6.65
C ASP A 92 6.16 -16.32 6.81
N GLN A 93 5.07 -16.26 7.56
CA GLN A 93 4.36 -15.02 7.78
C GLN A 93 4.23 -14.63 9.26
N PHE A 94 2.99 -14.52 9.72
CA PHE A 94 2.69 -14.12 11.09
C PHE A 94 3.34 -15.01 12.13
N CYS A 95 3.91 -14.36 13.15
CA CYS A 95 4.53 -15.09 14.26
C CYS A 95 3.99 -14.54 15.57
N HIS A 96 3.63 -15.45 16.47
CA HIS A 96 3.12 -15.05 17.77
C HIS A 96 3.55 -16.03 18.85
N GLU A 97 4.09 -15.47 19.94
CA GLU A 97 4.55 -16.26 21.06
C GLU A 97 3.33 -16.54 21.94
N GLU A 98 2.76 -17.73 21.79
CA GLU A 98 1.58 -18.09 22.56
C GLU A 98 1.95 -18.80 23.84
N GLN A 99 2.07 -18.04 24.93
CA GLN A 99 2.42 -18.60 26.23
C GLN A 99 3.76 -19.31 26.08
N ASN A 100 4.76 -18.53 25.67
CA ASN A 100 6.10 -19.05 25.42
C ASN A 100 5.97 -19.93 24.19
N SER A 101 7.08 -20.20 23.52
CA SER A 101 7.04 -21.01 22.31
C SER A 101 6.34 -20.22 21.18
N VAL A 102 6.66 -20.59 19.94
CA VAL A 102 6.11 -19.93 18.77
C VAL A 102 4.88 -20.60 18.15
N VAL A 103 4.03 -19.79 17.54
CA VAL A 103 2.84 -20.28 16.85
C VAL A 103 2.71 -19.45 15.57
N CYS A 104 2.92 -20.07 14.43
CA CYS A 104 2.81 -19.37 13.16
C CYS A 104 1.38 -19.43 12.63
N SER A 105 1.08 -18.52 11.71
CA SER A 105 -0.24 -18.46 11.07
C SER A 105 -0.04 -17.71 9.74
N CYS A 106 -1.06 -17.69 8.89
CA CYS A 106 -0.94 -17.03 7.59
C CYS A 106 -2.08 -16.08 7.27
N ALA A 107 -1.86 -15.23 6.28
CA ALA A 107 -2.87 -14.26 5.83
C ALA A 107 -4.01 -15.00 5.11
N ARG A 108 -5.12 -14.33 4.90
CA ARG A 108 -6.24 -14.97 4.24
C ARG A 108 -5.85 -15.40 2.83
N GLY A 109 -6.18 -16.64 2.48
CA GLY A 109 -5.84 -17.14 1.17
C GLY A 109 -4.65 -18.08 1.26
N TYR A 110 -4.14 -18.26 2.47
CA TYR A 110 -3.02 -19.16 2.69
C TYR A 110 -3.44 -20.16 3.75
N THR A 111 -2.77 -21.29 3.79
CA THR A 111 -3.06 -22.32 4.76
C THR A 111 -1.73 -22.75 5.33
N LEU A 112 -1.64 -22.82 6.66
CA LEU A 112 -0.42 -23.22 7.33
C LEU A 112 -0.04 -24.65 6.89
N ALA A 113 1.22 -24.83 6.49
CA ALA A 113 1.68 -26.13 6.05
C ALA A 113 1.66 -27.11 7.22
N ASP A 114 1.97 -28.36 6.92
CA ASP A 114 2.00 -29.42 7.93
C ASP A 114 3.00 -29.10 9.02
N ASN A 115 4.12 -28.51 8.63
CA ASN A 115 5.16 -28.17 9.58
C ASN A 115 4.74 -27.09 10.59
N GLY A 116 3.58 -26.48 10.38
CA GLY A 116 3.12 -25.45 11.29
C GLY A 116 3.93 -24.18 11.13
N LYS A 117 4.63 -24.03 10.01
CA LYS A 117 5.44 -22.85 9.77
C LYS A 117 5.21 -22.19 8.42
N ALA A 118 5.35 -22.99 7.36
CA ALA A 118 5.18 -22.47 5.99
C ALA A 118 3.74 -22.13 5.69
N CYS A 119 3.54 -21.28 4.69
CA CYS A 119 2.22 -20.85 4.29
C CYS A 119 1.99 -21.26 2.84
N ILE A 120 0.95 -22.05 2.62
CA ILE A 120 0.60 -22.55 1.30
C ILE A 120 -0.58 -21.79 0.70
N PRO A 121 -0.42 -21.27 -0.53
CA PRO A 121 -1.49 -20.51 -1.22
C PRO A 121 -2.66 -21.40 -1.50
N THR A 122 -3.84 -20.90 -1.24
CA THR A 122 -5.07 -21.64 -1.46
C THR A 122 -5.58 -21.55 -2.92
N GLY A 123 -5.12 -20.54 -3.65
CA GLY A 123 -5.56 -20.37 -5.02
C GLY A 123 -4.46 -19.93 -5.97
N PRO A 124 -4.85 -19.61 -7.22
CA PRO A 124 -3.98 -19.16 -8.33
C PRO A 124 -3.33 -17.77 -8.14
N TYR A 125 -4.07 -16.85 -7.53
CA TYR A 125 -3.56 -15.50 -7.31
C TYR A 125 -3.59 -15.10 -5.82
N PRO A 126 -2.74 -15.75 -5.00
CA PRO A 126 -2.67 -15.47 -3.57
C PRO A 126 -2.17 -14.03 -3.33
N CYS A 127 -2.58 -13.42 -2.22
CA CYS A 127 -2.18 -12.06 -1.90
C CYS A 127 -0.67 -11.94 -1.67
N GLY A 128 -0.15 -10.76 -1.98
CA GLY A 128 1.26 -10.49 -1.78
C GLY A 128 2.22 -11.13 -2.76
N LYS A 129 1.69 -11.83 -3.75
CA LYS A 129 2.55 -12.49 -4.73
C LYS A 129 2.60 -11.73 -6.04
N GLN A 130 3.80 -11.42 -6.51
CA GLN A 130 3.96 -10.75 -7.78
C GLN A 130 3.56 -11.80 -8.83
N THR A 131 2.86 -11.35 -9.88
CA THR A 131 2.40 -12.25 -10.92
C THR A 131 3.41 -12.56 -12.02
N LEU A 132 3.71 -13.85 -12.18
CA LEU A 132 4.66 -14.34 -13.19
C LEU A 132 3.92 -14.88 -14.44
N GLU A 133 2.59 -14.90 -14.34
CA GLU A 133 1.70 -15.35 -15.43
C GLU A 133 0.22 -15.10 -15.09
N ILE B 1 5.99 9.51 -8.69
CA ILE B 1 7.23 8.90 -8.13
C ILE B 1 8.48 9.55 -8.71
N VAL B 2 9.24 10.23 -7.86
CA VAL B 2 10.48 10.87 -8.27
C VAL B 2 11.54 9.80 -8.07
N GLY B 3 12.35 9.58 -9.09
CA GLY B 3 13.37 8.55 -9.00
C GLY B 3 12.71 7.18 -9.10
N GLY B 4 13.36 6.18 -8.54
CA GLY B 4 12.79 4.86 -8.60
C GLY B 4 12.94 4.24 -9.96
N GLN B 5 12.17 3.19 -10.18
CA GLN B 5 12.20 2.44 -11.44
C GLN B 5 10.75 2.23 -11.86
N GLU B 6 10.55 1.93 -13.15
CA GLU B 6 9.20 1.70 -13.63
C GLU B 6 8.81 0.26 -13.28
N CYS B 7 7.56 0.07 -12.87
CA CYS B 7 7.10 -1.27 -12.50
C CYS B 7 7.15 -2.21 -13.70
N LYS B 8 7.90 -3.30 -13.57
CA LYS B 8 7.98 -4.28 -14.65
C LYS B 8 6.76 -5.18 -14.64
N ASP B 9 6.64 -5.97 -15.69
CA ASP B 9 5.52 -6.89 -15.86
C ASP B 9 5.27 -7.77 -14.64
N GLY B 10 4.11 -7.60 -14.02
CA GLY B 10 3.76 -8.42 -12.87
C GLY B 10 4.32 -8.01 -11.53
N GLU B 11 5.10 -6.93 -11.50
CA GLU B 11 5.75 -6.44 -10.27
C GLU B 11 4.89 -5.70 -9.26
N CYS B 12 3.95 -4.90 -9.74
CA CYS B 12 3.08 -4.11 -8.87
C CYS B 12 1.61 -4.38 -9.20
N PRO B 13 1.18 -5.63 -9.05
CA PRO B 13 -0.20 -6.03 -9.36
C PRO B 13 -1.31 -5.49 -8.45
N TRP B 14 -0.93 -5.05 -7.25
CA TRP B 14 -1.88 -4.53 -6.27
C TRP B 14 -2.24 -3.06 -6.53
N GLN B 15 -1.52 -2.45 -7.46
CA GLN B 15 -1.77 -1.06 -7.80
C GLN B 15 -3.11 -0.80 -8.50
N ALA B 16 -3.89 0.13 -7.95
CA ALA B 16 -5.16 0.50 -8.55
C ALA B 16 -4.97 1.99 -8.87
N LEU B 17 -5.85 2.55 -9.69
CA LEU B 17 -5.74 3.97 -10.07
C LEU B 17 -7.14 4.57 -10.13
N LEU B 18 -7.37 5.65 -9.40
CA LEU B 18 -8.69 6.29 -9.41
C LEU B 18 -8.69 7.21 -10.61
N ILE B 19 -9.73 7.13 -11.44
CA ILE B 19 -9.83 7.95 -12.63
C ILE B 19 -11.09 8.79 -12.62
N ASN B 20 -10.95 10.05 -13.02
CA ASN B 20 -12.08 10.97 -13.08
C ASN B 20 -12.83 10.80 -14.40
N GLU B 21 -13.96 11.50 -14.53
CA GLU B 21 -14.80 11.45 -15.72
C GLU B 21 -14.05 11.63 -17.04
N GLU B 22 -12.95 12.38 -17.01
CA GLU B 22 -12.19 12.62 -18.22
C GLU B 22 -11.11 11.56 -18.40
N ASN B 23 -11.30 10.44 -17.72
CA ASN B 23 -10.37 9.30 -17.79
C ASN B 23 -8.94 9.57 -17.35
N GLU B 24 -8.74 10.50 -16.43
CA GLU B 24 -7.40 10.80 -15.97
C GLU B 24 -7.20 10.27 -14.57
N GLY B 25 -6.06 9.61 -14.34
CA GLY B 25 -5.78 9.09 -13.01
C GLY B 25 -5.46 10.27 -12.10
N PHE B 26 -6.06 10.32 -10.92
CA PHE B 26 -5.81 11.42 -9.98
C PHE B 26 -5.29 10.99 -8.63
N CYS B 27 -5.34 9.69 -8.36
CA CYS B 27 -4.87 9.13 -7.11
C CYS B 27 -4.65 7.64 -7.35
N GLY B 28 -4.05 6.97 -6.37
CA GLY B 28 -3.79 5.55 -6.49
C GLY B 28 -4.62 4.77 -5.50
N GLY B 29 -4.34 3.48 -5.41
CA GLY B 29 -5.06 2.65 -4.49
C GLY B 29 -4.38 1.31 -4.44
N THR B 30 -4.78 0.47 -3.49
CA THR B 30 -4.20 -0.86 -3.35
C THR B 30 -5.34 -1.86 -3.39
N ILE B 31 -5.17 -2.94 -4.16
CA ILE B 31 -6.18 -3.98 -4.25
C ILE B 31 -6.08 -4.80 -2.96
N LEU B 32 -7.16 -4.82 -2.18
CA LEU B 32 -7.21 -5.56 -0.93
C LEU B 32 -7.79 -6.93 -1.20
N SER B 33 -8.78 -6.96 -2.09
CA SER B 33 -9.45 -8.19 -2.49
C SER B 33 -10.19 -7.93 -3.82
N GLU B 34 -11.04 -8.85 -4.23
CA GLU B 34 -11.78 -8.71 -5.48
C GLU B 34 -12.79 -7.57 -5.48
N PHE B 35 -13.34 -7.22 -4.32
CA PHE B 35 -14.35 -6.15 -4.23
C PHE B 35 -13.83 -4.91 -3.54
N TYR B 36 -12.71 -5.00 -2.83
CA TYR B 36 -12.19 -3.86 -2.06
C TYR B 36 -10.88 -3.23 -2.46
N ILE B 37 -10.88 -1.91 -2.51
CA ILE B 37 -9.71 -1.12 -2.83
C ILE B 37 -9.44 -0.21 -1.64
N LEU B 38 -8.18 -0.04 -1.29
CA LEU B 38 -7.81 0.83 -0.18
C LEU B 38 -7.21 2.08 -0.78
N THR B 39 -7.64 3.24 -0.28
CA THR B 39 -7.14 4.52 -0.75
C THR B 39 -7.09 5.57 0.38
N ALA B 40 -6.61 6.76 0.06
CA ALA B 40 -6.51 7.86 1.02
C ALA B 40 -7.86 8.55 1.05
N ALA B 41 -8.26 9.05 2.21
CA ALA B 41 -9.56 9.73 2.31
C ALA B 41 -9.53 11.07 1.60
N HIS B 42 -8.36 11.69 1.52
CA HIS B 42 -8.26 12.98 0.86
C HIS B 42 -8.52 12.93 -0.64
N CYS B 43 -8.32 11.77 -1.23
CA CYS B 43 -8.52 11.58 -2.67
C CYS B 43 -9.96 11.71 -3.09
N LEU B 44 -10.87 11.47 -2.16
CA LEU B 44 -12.30 11.54 -2.42
C LEU B 44 -12.80 12.97 -2.56
N TYR B 45 -11.88 13.88 -2.82
CA TYR B 45 -12.22 15.29 -2.96
C TYR B 45 -11.66 15.88 -4.25
N GLN B 46 -10.81 15.12 -4.92
CA GLN B 46 -10.21 15.57 -6.16
C GLN B 46 -11.08 15.18 -7.35
N ALA B 47 -12.23 14.59 -7.08
CA ALA B 47 -13.16 14.17 -8.12
C ALA B 47 -14.57 13.90 -7.58
N LYS B 48 -15.56 14.48 -8.25
CA LYS B 48 -16.97 14.33 -7.88
C LYS B 48 -17.43 12.90 -8.20
N ARG B 49 -16.89 12.37 -9.30
CA ARG B 49 -17.21 11.02 -9.72
C ARG B 49 -15.91 10.44 -10.21
N PHE B 50 -15.69 9.16 -9.92
CA PHE B 50 -14.48 8.49 -10.35
C PHE B 50 -14.69 6.99 -10.42
N LYS B 51 -13.75 6.30 -11.03
CA LYS B 51 -13.82 4.86 -11.17
C LYS B 51 -12.43 4.33 -10.81
N VAL B 52 -12.30 3.01 -10.80
CA VAL B 52 -11.02 2.39 -10.47
C VAL B 52 -10.55 1.46 -11.60
N ARG B 53 -9.32 1.68 -12.05
CA ARG B 53 -8.73 0.87 -13.11
C ARG B 53 -7.55 0.06 -12.55
N VAL B 54 -7.52 -1.22 -12.87
CA VAL B 54 -6.47 -2.11 -12.40
C VAL B 54 -5.80 -2.74 -13.62
N GLY B 55 -4.65 -3.38 -13.42
CA GLY B 55 -3.94 -4.01 -14.51
C GLY B 55 -3.38 -3.05 -15.55
N ASP B 56 -3.06 -1.84 -15.10
CA ASP B 56 -2.52 -0.79 -15.97
C ASP B 56 -1.11 -0.35 -15.58
N ARG B 57 -0.19 -0.41 -16.53
CA ARG B 57 1.19 -0.01 -16.32
C ARG B 57 1.55 1.16 -17.25
N ASN B 58 0.82 1.30 -18.34
CA ASN B 58 1.05 2.35 -19.32
C ASN B 58 -0.28 2.93 -19.73
N THR B 59 -0.51 4.19 -19.37
CA THR B 59 -1.78 4.86 -19.66
C THR B 59 -2.06 5.13 -21.14
N GLU B 60 -1.01 5.33 -21.92
CA GLU B 60 -1.19 5.61 -23.33
C GLU B 60 -0.91 4.39 -24.19
N GLN B 61 -1.56 3.28 -23.87
CA GLN B 61 -1.35 2.04 -24.62
C GLN B 61 -2.18 0.94 -23.98
N GLU B 62 -2.57 -0.05 -24.77
CA GLU B 62 -3.38 -1.15 -24.25
C GLU B 62 -2.60 -2.45 -24.18
N GLU B 63 -2.32 -2.90 -22.96
CA GLU B 63 -1.58 -4.15 -22.78
C GLU B 63 -2.54 -5.30 -22.45
N GLY B 64 -3.83 -5.06 -22.71
CA GLY B 64 -4.84 -6.07 -22.46
C GLY B 64 -5.36 -6.32 -21.05
N GLY B 65 -4.45 -6.43 -20.09
CA GLY B 65 -4.85 -6.70 -18.72
C GLY B 65 -5.61 -5.64 -17.93
N GLU B 66 -5.85 -4.48 -18.54
CA GLU B 66 -6.54 -3.39 -17.87
C GLU B 66 -8.01 -3.72 -17.61
N ALA B 67 -8.60 -3.02 -16.65
CA ALA B 67 -10.00 -3.24 -16.30
C ALA B 67 -10.54 -2.11 -15.45
N VAL B 68 -11.58 -1.47 -15.93
CA VAL B 68 -12.22 -0.37 -15.21
C VAL B 68 -13.35 -0.95 -14.35
N HIS B 69 -13.48 -0.42 -13.13
CA HIS B 69 -14.50 -0.89 -12.21
C HIS B 69 -15.24 0.28 -11.59
N GLU B 70 -16.56 0.23 -11.57
CA GLU B 70 -17.36 1.29 -10.98
C GLU B 70 -17.39 1.04 -9.48
N VAL B 71 -17.36 2.13 -8.71
CA VAL B 71 -17.37 2.03 -7.25
C VAL B 71 -18.82 1.98 -6.75
N GLU B 72 -19.13 0.95 -5.99
CA GLU B 72 -20.46 0.76 -5.44
C GLU B 72 -20.60 1.58 -4.16
N VAL B 73 -19.67 1.37 -3.24
CA VAL B 73 -19.71 2.05 -1.95
C VAL B 73 -18.39 2.72 -1.60
N VAL B 74 -18.49 3.91 -1.01
CA VAL B 74 -17.30 4.62 -0.58
C VAL B 74 -17.38 4.69 0.95
N ILE B 75 -16.39 4.11 1.62
CA ILE B 75 -16.34 4.12 3.08
C ILE B 75 -15.15 4.97 3.50
N LYS B 76 -15.42 6.21 3.90
CA LYS B 76 -14.37 7.11 4.33
C LYS B 76 -14.28 7.14 5.85
N HIS B 77 -13.07 7.24 6.40
CA HIS B 77 -12.92 7.28 7.85
C HIS B 77 -13.59 8.55 8.34
N ASN B 78 -14.56 8.39 9.22
CA ASN B 78 -15.30 9.53 9.76
C ASN B 78 -14.46 10.51 10.58
N ARG B 79 -13.24 10.13 10.90
CA ARG B 79 -12.35 10.99 11.66
C ARG B 79 -11.32 11.67 10.77
N PHE B 80 -11.49 11.60 9.45
CA PHE B 80 -10.54 12.24 8.55
C PHE B 80 -10.65 13.74 8.70
N THR B 81 -9.51 14.37 8.97
CA THR B 81 -9.50 15.82 9.13
C THR B 81 -8.66 16.43 8.02
N LYS B 82 -9.34 17.16 7.14
CA LYS B 82 -8.70 17.82 6.02
C LYS B 82 -7.61 18.76 6.49
N GLU B 83 -7.74 19.24 7.73
CA GLU B 83 -6.78 20.17 8.32
C GLU B 83 -5.37 19.61 8.49
N THR B 84 -5.27 18.34 8.87
CA THR B 84 -3.99 17.70 9.13
C THR B 84 -3.81 16.40 8.35
N TYR B 85 -4.86 15.99 7.63
CA TYR B 85 -4.84 14.76 6.88
C TYR B 85 -4.70 13.58 7.83
N ASP B 86 -5.12 13.79 9.07
CA ASP B 86 -5.06 12.72 10.06
C ASP B 86 -6.23 11.80 9.72
N PHE B 87 -6.04 10.49 9.87
CA PHE B 87 -7.08 9.50 9.54
C PHE B 87 -7.32 9.51 8.03
N ASP B 88 -6.23 9.65 7.27
CA ASP B 88 -6.27 9.68 5.81
C ASP B 88 -6.42 8.25 5.29
N ILE B 89 -7.62 7.70 5.41
CA ILE B 89 -7.87 6.33 4.96
C ILE B 89 -9.32 6.13 4.50
N ALA B 90 -9.49 5.37 3.43
CA ALA B 90 -10.82 5.11 2.90
C ALA B 90 -10.80 3.79 2.16
N VAL B 91 -11.94 3.10 2.17
CA VAL B 91 -12.06 1.82 1.49
C VAL B 91 -13.21 1.90 0.46
N LEU B 92 -12.98 1.36 -0.72
CA LEU B 92 -13.99 1.38 -1.78
C LEU B 92 -14.50 -0.01 -2.13
N ARG B 93 -15.82 -0.18 -2.15
CA ARG B 93 -16.39 -1.46 -2.55
C ARG B 93 -16.79 -1.33 -4.01
N LEU B 94 -16.21 -2.18 -4.85
CA LEU B 94 -16.50 -2.17 -6.29
C LEU B 94 -17.84 -2.82 -6.58
N LYS B 95 -18.46 -2.42 -7.67
CA LYS B 95 -19.75 -2.99 -8.06
C LYS B 95 -19.55 -4.40 -8.61
N THR B 96 -18.43 -4.62 -9.29
CA THR B 96 -18.12 -5.93 -9.88
C THR B 96 -16.76 -6.43 -9.34
N PRO B 97 -16.66 -7.73 -9.04
CA PRO B 97 -15.38 -8.22 -8.54
C PRO B 97 -14.28 -8.08 -9.56
N ILE B 98 -13.06 -7.96 -9.08
CA ILE B 98 -11.89 -7.83 -9.93
C ILE B 98 -11.46 -9.25 -10.24
N THR B 99 -11.14 -9.52 -11.51
CA THR B 99 -10.71 -10.86 -11.88
C THR B 99 -9.19 -10.87 -11.85
N PHE B 100 -8.63 -11.56 -10.86
CA PHE B 100 -7.18 -11.62 -10.72
C PHE B 100 -6.54 -12.29 -11.92
N ARG B 101 -5.47 -11.69 -12.42
CA ARG B 101 -4.75 -12.21 -13.57
C ARG B 101 -3.38 -11.56 -13.55
N MET B 102 -2.60 -11.77 -14.59
CA MET B 102 -1.28 -11.15 -14.64
C MET B 102 -1.48 -9.65 -14.45
N ASN B 103 -0.70 -9.07 -13.55
CA ASN B 103 -0.77 -7.64 -13.26
C ASN B 103 -2.01 -7.22 -12.44
N VAL B 104 -2.83 -8.17 -12.02
CA VAL B 104 -4.00 -7.83 -11.22
C VAL B 104 -4.06 -8.85 -10.09
N ALA B 105 -3.62 -8.45 -8.90
CA ALA B 105 -3.63 -9.33 -7.72
C ALA B 105 -3.59 -8.44 -6.48
N PRO B 106 -4.16 -8.92 -5.37
CA PRO B 106 -4.22 -8.18 -4.09
C PRO B 106 -2.94 -8.24 -3.24
N ALA B 107 -2.77 -7.26 -2.34
CA ALA B 107 -1.62 -7.26 -1.42
C ALA B 107 -2.17 -7.82 -0.11
N CYS B 108 -1.31 -8.45 0.70
CA CYS B 108 -1.78 -9.02 1.95
C CYS B 108 -1.95 -8.03 3.08
N LEU B 109 -3.03 -8.18 3.83
CA LEU B 109 -3.25 -7.33 5.00
C LEU B 109 -2.55 -8.11 6.11
N PRO B 110 -1.61 -7.47 6.82
CA PRO B 110 -0.87 -8.12 7.92
C PRO B 110 -1.63 -7.99 9.24
N GLU B 111 -1.02 -8.53 10.29
CA GLU B 111 -1.59 -8.43 11.63
C GLU B 111 -0.83 -7.27 12.26
N ARG B 112 -1.51 -6.44 13.04
CA ARG B 112 -0.87 -5.27 13.66
C ARG B 112 0.42 -5.52 14.42
N ASP B 113 0.36 -6.34 15.46
CA ASP B 113 1.55 -6.62 16.26
C ASP B 113 2.71 -7.09 15.40
N TRP B 114 2.47 -8.16 14.63
CA TRP B 114 3.52 -8.70 13.76
C TRP B 114 4.05 -7.67 12.77
N ALA B 115 3.13 -6.95 12.13
CA ALA B 115 3.47 -5.91 11.16
C ALA B 115 4.37 -4.85 11.78
N GLU B 116 3.95 -4.32 12.93
CA GLU B 116 4.70 -3.29 13.63
C GLU B 116 6.08 -3.73 14.12
N SER B 117 6.20 -4.95 14.62
CA SER B 117 7.51 -5.44 15.08
C SER B 117 8.39 -6.00 13.98
N THR B 118 7.78 -6.61 12.97
CA THR B 118 8.53 -7.24 11.88
C THR B 118 8.58 -6.56 10.52
N LEU B 119 7.44 -6.05 10.06
CA LEU B 119 7.43 -5.40 8.75
C LEU B 119 8.01 -4.01 8.87
N MET B 120 7.40 -3.21 9.74
CA MET B 120 7.83 -1.85 9.94
C MET B 120 9.23 -1.62 10.51
N THR B 121 9.96 -2.71 10.76
CA THR B 121 11.33 -2.59 11.28
C THR B 121 12.31 -3.03 10.20
N GLN B 122 11.76 -3.40 9.05
CA GLN B 122 12.57 -3.82 7.91
C GLN B 122 13.29 -2.54 7.49
N LYS B 123 14.30 -2.67 6.64
CA LYS B 123 15.02 -1.50 6.17
C LYS B 123 14.18 -0.60 5.25
N THR B 124 13.40 -1.23 4.37
CA THR B 124 12.64 -0.49 3.41
C THR B 124 11.20 -0.95 3.20
N GLY B 125 10.49 -0.16 2.40
CA GLY B 125 9.12 -0.44 2.01
C GLY B 125 9.15 -0.11 0.52
N ILE B 126 8.03 -0.30 -0.17
CA ILE B 126 7.97 0.00 -1.59
C ILE B 126 6.71 0.79 -1.87
N VAL B 127 6.89 1.95 -2.50
CA VAL B 127 5.77 2.84 -2.85
C VAL B 127 5.67 2.88 -4.38
N SER B 128 4.47 3.09 -4.93
CA SER B 128 4.32 3.11 -6.38
C SER B 128 3.14 3.94 -6.87
N GLY B 129 3.20 4.38 -8.10
CA GLY B 129 2.09 5.18 -8.65
C GLY B 129 2.41 5.84 -9.98
N PHE B 130 1.38 6.46 -10.54
CA PHE B 130 1.50 7.19 -11.81
C PHE B 130 1.61 8.68 -11.49
N GLY B 131 2.13 9.00 -10.32
CA GLY B 131 2.28 10.39 -9.89
C GLY B 131 3.43 11.11 -10.56
N ARG B 132 3.57 12.39 -10.24
CA ARG B 132 4.62 13.21 -10.82
C ARG B 132 6.00 12.63 -10.65
N THR B 133 6.86 12.81 -11.64
CA THR B 133 8.22 12.30 -11.58
C THR B 133 9.20 13.37 -11.06
N HIS B 134 8.65 14.56 -10.85
CA HIS B 134 9.37 15.74 -10.34
C HIS B 134 8.28 16.61 -9.73
N GLU B 135 8.64 17.40 -8.72
CA GLU B 135 7.67 18.25 -8.02
C GLU B 135 6.77 19.11 -8.90
N LYS B 136 7.36 19.80 -9.86
CA LYS B 136 6.59 20.66 -10.76
C LYS B 136 6.29 20.00 -12.10
N GLY B 137 6.67 18.73 -12.23
CA GLY B 137 6.44 17.99 -13.46
C GLY B 137 5.01 17.48 -13.55
N ARG B 138 4.69 16.79 -14.63
CA ARG B 138 3.34 16.26 -14.82
C ARG B 138 3.26 14.79 -14.43
N GLN B 139 2.05 14.24 -14.41
CA GLN B 139 1.84 12.85 -14.05
C GLN B 139 2.66 11.95 -14.95
N SER B 140 2.81 10.70 -14.54
CA SER B 140 3.56 9.74 -15.32
C SER B 140 2.56 8.87 -16.09
N THR B 141 2.99 8.38 -17.25
CA THR B 141 2.14 7.50 -18.04
C THR B 141 2.50 6.06 -17.66
N ARG B 142 3.71 5.92 -17.13
CA ARG B 142 4.23 4.64 -16.69
C ARG B 142 4.12 4.50 -15.18
N LEU B 143 3.64 3.34 -14.73
CA LEU B 143 3.50 3.03 -13.33
C LEU B 143 4.91 2.84 -12.79
N LYS B 144 5.24 3.56 -11.72
CA LYS B 144 6.58 3.44 -11.15
C LYS B 144 6.55 2.93 -9.72
N MET B 145 7.71 2.52 -9.23
CA MET B 145 7.84 2.02 -7.88
C MET B 145 9.15 2.57 -7.34
N LEU B 146 9.26 2.61 -6.02
CA LEU B 146 10.46 3.11 -5.37
C LEU B 146 10.64 2.50 -3.99
N GLU B 147 11.84 2.04 -3.72
CA GLU B 147 12.16 1.47 -2.42
C GLU B 147 12.42 2.65 -1.46
N VAL B 148 11.60 2.79 -0.43
CA VAL B 148 11.75 3.89 0.53
C VAL B 148 12.07 3.41 1.95
N PRO B 149 13.25 3.78 2.46
CA PRO B 149 13.67 3.39 3.82
C PRO B 149 12.72 3.90 4.90
N TYR B 150 12.54 3.09 5.94
CA TYR B 150 11.67 3.49 7.05
C TYR B 150 12.44 4.58 7.77
N VAL B 151 11.77 5.69 8.09
CA VAL B 151 12.43 6.81 8.78
C VAL B 151 12.07 6.88 10.25
N ASP B 152 13.10 7.02 11.09
CA ASP B 152 12.94 7.11 12.54
C ASP B 152 11.84 8.10 12.89
N ARG B 153 10.92 7.64 13.74
CA ARG B 153 9.80 8.47 14.15
C ARG B 153 10.21 9.83 14.70
N ASN B 154 11.28 9.87 15.48
CA ASN B 154 11.72 11.14 16.03
C ASN B 154 12.28 12.08 14.95
N SER B 155 13.18 11.57 14.12
CA SER B 155 13.75 12.39 13.06
C SER B 155 12.62 12.87 12.16
N CYS B 156 11.64 12.00 11.93
CA CYS B 156 10.48 12.32 11.11
C CYS B 156 9.77 13.53 11.70
N LYS B 157 9.45 13.45 12.99
CA LYS B 157 8.76 14.52 13.68
C LYS B 157 9.56 15.82 13.61
N LEU B 158 10.85 15.71 13.86
CA LEU B 158 11.70 16.88 13.81
C LEU B 158 11.76 17.56 12.45
N SER B 159 11.72 16.77 11.39
CA SER B 159 11.80 17.29 10.03
C SER B 159 10.52 17.95 9.55
N SER B 160 9.42 17.58 10.17
CA SER B 160 8.13 18.08 9.75
C SER B 160 7.66 19.43 10.27
N SER B 161 7.11 20.24 9.36
CA SER B 161 6.58 21.54 9.74
C SER B 161 5.14 21.34 10.15
N PHE B 162 4.58 20.18 9.81
CA PHE B 162 3.19 19.88 10.14
C PHE B 162 3.13 18.68 11.08
N ILE B 163 2.12 18.64 11.94
CA ILE B 163 2.01 17.54 12.90
C ILE B 163 2.00 16.13 12.32
N ILE B 164 2.87 15.29 12.87
CA ILE B 164 2.96 13.89 12.50
C ILE B 164 2.21 13.19 13.61
N THR B 165 0.93 12.95 13.39
CA THR B 165 0.08 12.28 14.37
C THR B 165 0.41 10.80 14.50
N GLN B 166 -0.17 10.14 15.49
CA GLN B 166 0.08 8.72 15.68
C GLN B 166 -0.47 7.81 14.56
N ASN B 167 -1.18 8.42 13.62
CA ASN B 167 -1.75 7.70 12.48
C ASN B 167 -0.91 7.84 11.24
N MET B 168 0.33 8.31 11.38
CA MET B 168 1.19 8.49 10.22
C MET B 168 2.60 7.97 10.48
N PHE B 169 3.40 7.94 9.42
CA PHE B 169 4.79 7.52 9.51
C PHE B 169 5.56 8.02 8.30
N CYS B 170 6.84 8.27 8.47
CA CYS B 170 7.68 8.79 7.39
C CYS B 170 8.46 7.67 6.73
N ALA B 171 8.91 7.95 5.52
CA ALA B 171 9.70 7.02 4.74
C ALA B 171 10.26 7.84 3.61
N GLY B 172 11.47 7.48 3.19
CA GLY B 172 12.06 8.23 2.11
C GLY B 172 13.50 8.52 2.44
N TYR B 173 14.01 9.59 1.86
CA TYR B 173 15.37 10.01 2.06
C TYR B 173 15.43 11.44 2.54
N ASP B 174 16.55 11.77 3.16
CA ASP B 174 16.75 13.10 3.67
C ASP B 174 17.13 14.02 2.51
N THR B 175 18.09 13.58 1.71
CA THR B 175 18.54 14.40 0.60
C THR B 175 18.41 13.77 -0.79
N LYS B 176 18.53 12.45 -0.87
CA LYS B 176 18.44 11.74 -2.14
C LYS B 176 17.16 12.03 -2.89
N GLN B 177 17.29 12.38 -4.16
CA GLN B 177 16.14 12.74 -5.01
C GLN B 177 15.16 11.63 -5.38
N GLU B 178 14.66 10.93 -4.38
CA GLU B 178 13.72 9.84 -4.57
C GLU B 178 12.60 10.04 -3.56
N ASP B 179 11.35 10.01 -4.03
CA ASP B 179 10.21 10.21 -3.14
C ASP B 179 8.93 10.13 -3.95
N ALA B 180 7.82 9.81 -3.30
CA ALA B 180 6.55 9.78 -4.00
C ALA B 180 6.23 11.26 -4.22
N CYS B 181 5.16 11.54 -4.95
CA CYS B 181 4.76 12.91 -5.23
C CYS B 181 3.28 12.99 -5.57
N GLN B 182 2.78 14.18 -5.89
CA GLN B 182 1.37 14.31 -6.23
C GLN B 182 0.98 13.34 -7.34
N GLY B 183 -0.14 12.68 -7.16
CA GLY B 183 -0.61 11.71 -8.13
C GLY B 183 -0.53 10.31 -7.53
N ASP B 184 0.50 10.09 -6.72
CA ASP B 184 0.73 8.81 -6.05
C ASP B 184 -0.15 8.67 -4.81
N SER B 185 -0.75 9.77 -4.39
CA SER B 185 -1.59 9.77 -3.20
C SER B 185 -2.67 8.68 -3.22
N GLY B 186 -2.87 8.03 -2.07
CA GLY B 186 -3.85 6.96 -1.98
C GLY B 186 -3.21 5.66 -2.43
N GLY B 187 -2.04 5.77 -3.04
CA GLY B 187 -1.32 4.63 -3.55
C GLY B 187 -0.83 3.67 -2.50
N PRO B 188 -0.22 2.55 -2.94
CA PRO B 188 0.33 1.49 -2.11
C PRO B 188 1.73 1.66 -1.52
N HIS B 189 1.86 1.45 -0.22
CA HIS B 189 3.17 1.45 0.40
C HIS B 189 3.09 0.04 0.94
N VAL B 190 3.86 -0.88 0.40
CA VAL B 190 3.85 -2.26 0.87
C VAL B 190 5.24 -2.63 1.29
N THR B 191 5.34 -3.62 2.16
CA THR B 191 6.64 -4.09 2.66
C THR B 191 6.74 -5.55 2.29
N ARG B 192 7.91 -5.96 1.85
CA ARG B 192 8.11 -7.34 1.47
C ARG B 192 8.73 -8.15 2.60
N PHE B 193 8.24 -9.37 2.80
CA PHE B 193 8.79 -10.25 3.83
C PHE B 193 8.76 -11.66 3.27
N LYS B 194 9.92 -12.16 2.88
CA LYS B 194 10.00 -13.52 2.33
C LYS B 194 9.31 -13.71 0.95
N ASP B 195 9.26 -12.65 0.15
CA ASP B 195 8.63 -12.67 -1.17
C ASP B 195 7.14 -12.47 -1.21
N THR B 196 6.57 -12.12 -0.06
CA THR B 196 5.16 -11.85 0.02
C THR B 196 5.10 -10.38 0.44
N TYR B 197 4.27 -9.61 -0.24
CA TYR B 197 4.14 -8.19 0.01
C TYR B 197 2.90 -7.86 0.80
N PHE B 198 3.09 -7.16 1.92
CA PHE B 198 2.00 -6.77 2.80
C PHE B 198 1.81 -5.26 2.77
N VAL B 199 0.57 -4.81 2.87
CA VAL B 199 0.27 -3.37 2.87
C VAL B 199 0.74 -2.77 4.19
N THR B 200 1.61 -1.76 4.12
CA THR B 200 2.08 -1.11 5.33
C THR B 200 1.78 0.38 5.38
N GLY B 201 1.24 0.92 4.30
CA GLY B 201 0.91 2.32 4.29
C GLY B 201 0.15 2.79 3.05
N ILE B 202 -0.31 4.03 3.11
CA ILE B 202 -1.04 4.67 2.02
C ILE B 202 -0.34 6.01 1.77
N VAL B 203 0.03 6.30 0.53
CA VAL B 203 0.69 7.57 0.24
C VAL B 203 -0.25 8.69 0.72
N SER B 204 0.20 9.48 1.68
CA SER B 204 -0.64 10.54 2.22
C SER B 204 -0.34 11.95 1.75
N TRP B 205 0.80 12.48 2.19
CA TRP B 205 1.18 13.84 1.83
C TRP B 205 2.68 13.97 2.03
N GLY B 206 3.16 15.20 1.95
CA GLY B 206 4.57 15.44 2.14
C GLY B 206 4.76 16.91 1.87
N GLU B 207 5.97 17.42 2.10
CA GLU B 207 6.26 18.82 1.86
C GLU B 207 7.04 18.84 0.55
N GLY B 208 6.29 19.07 -0.53
CA GLY B 208 6.87 19.07 -1.85
C GLY B 208 7.20 17.63 -2.18
N CYS B 209 8.27 17.42 -2.93
CA CYS B 209 8.66 16.08 -3.28
C CYS B 209 10.17 15.98 -3.43
N ALA B 210 10.76 15.04 -2.71
CA ALA B 210 12.21 14.79 -2.71
C ALA B 210 12.98 15.97 -2.12
N ARG B 211 12.24 16.89 -1.51
CA ARG B 211 12.82 18.07 -0.87
C ARG B 211 13.80 17.63 0.21
N LYS B 212 14.98 18.25 0.25
CA LYS B 212 15.99 17.90 1.24
C LYS B 212 15.52 18.20 2.66
N GLY B 213 15.82 17.29 3.58
CA GLY B 213 15.41 17.46 4.96
C GLY B 213 13.93 17.19 5.20
N LYS B 214 13.23 16.75 4.17
CA LYS B 214 11.81 16.44 4.25
C LYS B 214 11.61 14.97 3.85
N TYR B 215 10.52 14.36 4.32
CA TYR B 215 10.25 12.96 4.02
C TYR B 215 8.85 12.74 3.45
N GLY B 216 8.55 11.50 3.09
CA GLY B 216 7.24 11.20 2.58
C GLY B 216 6.38 10.77 3.73
N ILE B 217 5.16 11.30 3.83
CA ILE B 217 4.26 10.93 4.89
C ILE B 217 3.15 9.99 4.40
N TYR B 218 3.06 8.84 5.08
CA TYR B 218 2.09 7.79 4.77
C TYR B 218 1.15 7.53 5.93
N THR B 219 -0.08 7.11 5.60
CA THR B 219 -1.08 6.77 6.61
C THR B 219 -0.62 5.46 7.24
N LYS B 220 -0.75 5.34 8.56
CA LYS B 220 -0.34 4.13 9.25
C LYS B 220 -1.40 3.06 9.15
N VAL B 221 -1.23 2.17 8.19
CA VAL B 221 -2.20 1.10 7.97
C VAL B 221 -2.39 0.20 9.20
N THR B 222 -1.30 -0.15 9.88
CA THR B 222 -1.36 -1.02 11.06
C THR B 222 -2.29 -0.51 12.13
N ALA B 223 -2.47 0.80 12.18
CA ALA B 223 -3.35 1.43 13.17
C ALA B 223 -4.81 1.27 12.79
N PHE B 224 -5.06 0.94 11.51
CA PHE B 224 -6.43 0.80 11.03
C PHE B 224 -6.88 -0.59 10.62
N LEU B 225 -6.08 -1.61 10.93
CA LEU B 225 -6.45 -2.97 10.56
C LEU B 225 -7.86 -3.37 10.98
N LYS B 226 -8.17 -3.21 12.26
CA LYS B 226 -9.50 -3.56 12.74
C LYS B 226 -10.55 -2.80 11.94
N TRP B 227 -10.29 -1.53 11.66
CA TRP B 227 -11.21 -0.69 10.90
C TRP B 227 -11.42 -1.25 9.50
N ILE B 228 -10.31 -1.49 8.81
CA ILE B 228 -10.33 -2.02 7.46
C ILE B 228 -11.16 -3.29 7.41
N ASP B 229 -11.03 -4.13 8.44
CA ASP B 229 -11.78 -5.37 8.49
C ASP B 229 -13.26 -5.11 8.60
N ARG B 230 -13.64 -4.16 9.44
CA ARG B 230 -15.06 -3.82 9.62
C ARG B 230 -15.64 -3.25 8.34
N SER B 231 -14.85 -2.43 7.65
CA SER B 231 -15.29 -1.84 6.40
C SER B 231 -15.43 -2.90 5.30
N MET B 232 -14.52 -3.87 5.28
CA MET B 232 -14.57 -4.93 4.28
C MET B 232 -15.67 -5.95 4.53
N LYS B 233 -15.98 -6.22 5.80
CA LYS B 233 -17.05 -7.15 6.14
C LYS B 233 -18.38 -6.48 5.86
N THR B 234 -18.34 -5.18 5.57
CA THR B 234 -19.56 -4.43 5.28
C THR B 234 -19.29 -3.16 4.45
CA CA C . -2.05 0.24 -20.65
C1 CMB D . 3.53 18.22 -5.77
C2 CMB D . 3.39 17.61 -4.50
C3 CMB D . 2.19 17.76 -3.75
C4 CMB D . 1.09 18.47 -4.22
C5 CMB D . 1.23 19.11 -5.53
C6 CMB D . 2.44 18.98 -6.26
N7 CMB D . 1.93 17.32 -2.46
C8 CMB D . 0.65 17.75 -2.15
C9 CMB D . 0.04 18.45 -3.28
C10 CMB D . 0.11 19.86 -6.12
C11 CMB D . 0.01 17.55 -0.90
N12 CMB D . -0.93 18.44 -0.51
C13 CMB D . -1.59 18.27 0.78
C14 CMB D . -0.76 18.48 2.05
C17 CMB D . 2.93 16.71 -1.58
C18 CMB D . 2.99 15.20 -1.66
C21 CMB D . 1.90 14.38 -1.98
C22 CMB D . 2.01 12.98 -1.85
C23 CMB D . 3.25 12.44 -1.44
C24 CMB D . 4.35 13.29 -1.19
C25 CMB D . 4.21 14.67 -1.30
C26 CMB D . -1.27 18.08 3.28
C27 CMB D . -0.58 18.36 4.49
C28 CMB D . 0.64 19.04 4.43
C29 CMB D . 1.18 19.45 3.19
C30 CMB D . 0.48 19.15 2.01
C31 CMB D . 5.68 12.81 -0.84
N32 CMB D . 5.91 11.57 -0.41
CL1 CMB D . -1.32 17.94 6.03
CL2 CMB D . 2.68 20.38 3.11
O45 CMB D . 0.32 16.59 -0.18
N53 CMB D . 6.65 13.72 -0.93
#